data_5W9A
#
_entry.id   5W9A
#
_cell.length_a   72.014
_cell.length_b   115.319
_cell.length_c   174.164
_cell.angle_alpha   90.000
_cell.angle_beta   90.000
_cell.angle_gamma   90.000
#
_symmetry.space_group_name_H-M   'P 2 21 21'
#
loop_
_entity.id
_entity.type
_entity.pdbx_description
1 polymer 'Tripartite motif-containing protein 5'
2 polymer 'Microtubule-associated proteins 1A/1B light chain 3B'
3 non-polymer 'ZINC ION'
#
loop_
_entity_poly.entity_id
_entity_poly.type
_entity_poly.pdbx_seq_one_letter_code
_entity_poly.pdbx_strand_id
1 'polypeptide(L)'
;DHCARHGEKLLLFCQEDSKVICWLCKDSQEHRGHHTFLMEEVAQEYHVKLQTALEMLRQKQQEAEKLEADIREEKASWKI
QIDYDKTNVSADFEQLREILDWEESNELQNLEKEEEDILKSLTKSETEMVQQTQYMRELISELEHRLQGSMMDLLQGVDG
IIKRIENMTLKKPKTFHKNQRRVFRAPDLKGML
;
A,B
2 'polypeptide(L)'
;EKTFKQRRTFEQRVEDVRLIREQHPTKIPVIIERYKGEKQLPVLDKTKFLVPDHVNMSELIKIIRRRLQLNANQAFFLLV
NGHSMVSVSTPISEVYESEKDEDGFLYMVYASQE
;
C,D
#
# COMPACT_ATOMS: atom_id res chain seq x y z
N ASP A 1 53.56 -9.98 -66.66
CA ASP A 1 54.84 -10.60 -66.26
C ASP A 1 54.92 -12.03 -66.76
N HIS A 2 55.95 -12.75 -66.30
CA HIS A 2 56.22 -14.11 -66.72
C HIS A 2 55.80 -15.11 -65.64
N CYS A 3 55.68 -16.37 -66.04
CA CYS A 3 55.17 -17.41 -65.16
C CYS A 3 56.22 -17.80 -64.12
N ALA A 4 55.75 -18.13 -62.92
CA ALA A 4 56.65 -18.55 -61.86
C ALA A 4 57.05 -20.02 -61.99
N ARG A 5 56.18 -20.86 -62.53
CA ARG A 5 56.48 -22.28 -62.61
C ARG A 5 57.38 -22.61 -63.79
N HIS A 6 57.14 -21.99 -64.94
CA HIS A 6 57.89 -22.27 -66.16
C HIS A 6 58.75 -21.12 -66.65
N GLY A 7 58.26 -19.88 -66.56
CA GLY A 7 59.02 -18.72 -66.99
C GLY A 7 58.49 -18.05 -68.23
N GLU A 8 57.44 -18.58 -68.86
CA GLU A 8 56.86 -17.98 -70.05
C GLU A 8 55.78 -16.96 -69.67
N LYS A 9 55.35 -16.18 -70.66
CA LYS A 9 54.33 -15.18 -70.43
C LYS A 9 52.99 -15.82 -70.07
N LEU A 10 52.20 -15.08 -69.29
CA LEU A 10 50.84 -15.50 -68.94
C LEU A 10 49.89 -14.78 -69.89
N LEU A 11 49.66 -15.39 -71.05
CA LEU A 11 48.76 -14.83 -72.06
C LEU A 11 47.48 -15.65 -72.22
N LEU A 12 47.34 -16.75 -71.50
CA LEU A 12 46.22 -17.66 -71.65
C LEU A 12 45.26 -17.54 -70.47
N PHE A 13 44.07 -18.11 -70.66
CA PHE A 13 43.02 -18.13 -69.65
C PHE A 13 42.33 -19.48 -69.73
N CYS A 14 42.25 -20.17 -68.59
CA CYS A 14 41.61 -21.47 -68.53
C CYS A 14 40.15 -21.31 -68.12
N GLN A 15 39.24 -21.75 -68.98
CA GLN A 15 37.82 -21.60 -68.69
C GLN A 15 37.40 -22.41 -67.47
N GLU A 16 38.08 -23.53 -67.22
CA GLU A 16 37.71 -24.41 -66.11
C GLU A 16 38.35 -23.99 -64.79
N ASP A 17 39.65 -23.67 -64.82
CA ASP A 17 40.37 -23.31 -63.60
C ASP A 17 40.32 -21.83 -63.28
N SER A 18 39.97 -20.98 -64.25
CA SER A 18 39.94 -19.52 -64.08
C SER A 18 41.29 -18.97 -63.64
N LYS A 19 42.38 -19.58 -64.08
CA LYS A 19 43.73 -19.11 -63.78
C LYS A 19 44.47 -18.81 -65.08
N VAL A 20 45.22 -17.72 -65.09
CA VAL A 20 46.07 -17.39 -66.24
C VAL A 20 47.35 -18.19 -66.14
N ILE A 21 47.78 -18.77 -67.26
CA ILE A 21 48.95 -19.64 -67.30
C ILE A 21 49.74 -19.37 -68.57
N CYS A 22 50.74 -20.21 -68.83
CA CYS A 22 51.52 -20.15 -70.06
C CYS A 22 51.20 -21.37 -70.92
N TRP A 23 51.88 -21.46 -72.06
CA TRP A 23 51.63 -22.58 -72.97
C TRP A 23 52.21 -23.88 -72.43
N LEU A 24 53.27 -23.81 -71.62
CA LEU A 24 53.82 -25.01 -71.02
C LEU A 24 52.87 -25.60 -69.97
N CYS A 25 52.13 -24.75 -69.27
CA CYS A 25 51.15 -25.24 -68.30
C CYS A 25 49.95 -25.91 -68.98
N LYS A 26 49.69 -25.58 -70.24
CA LYS A 26 48.53 -26.16 -70.93
C LYS A 26 48.75 -27.63 -71.27
N ASP A 27 49.99 -28.01 -71.60
CA ASP A 27 50.28 -29.39 -71.99
C ASP A 27 50.58 -30.30 -70.81
N SER A 28 50.94 -29.75 -69.65
CA SER A 28 51.23 -30.56 -68.49
C SER A 28 49.95 -31.16 -67.91
N GLN A 29 50.12 -32.08 -66.96
CA GLN A 29 48.97 -32.74 -66.35
C GLN A 29 48.18 -31.81 -65.45
N GLU A 30 48.74 -30.67 -65.05
CA GLU A 30 48.04 -29.75 -64.17
C GLU A 30 46.80 -29.15 -64.83
N HIS A 31 46.92 -28.75 -66.10
CA HIS A 31 45.80 -28.19 -66.84
C HIS A 31 45.48 -29.02 -68.09
N ARG A 32 45.71 -30.32 -68.02
CA ARG A 32 45.47 -31.19 -69.15
C ARG A 32 43.97 -31.38 -69.40
N GLY A 33 43.59 -31.40 -70.68
CA GLY A 33 42.21 -31.66 -71.07
C GLY A 33 41.26 -30.49 -70.96
N HIS A 34 41.70 -29.36 -70.41
CA HIS A 34 40.81 -28.22 -70.25
C HIS A 34 40.75 -27.40 -71.54
N HIS A 35 39.81 -26.46 -71.56
CA HIS A 35 39.65 -25.53 -72.69
C HIS A 35 40.35 -24.22 -72.35
N THR A 36 41.24 -23.79 -73.24
CA THR A 36 42.08 -22.62 -73.01
C THR A 36 41.85 -21.58 -74.09
N PHE A 37 41.75 -20.32 -73.68
CA PHE A 37 41.52 -19.21 -74.58
C PHE A 37 42.58 -18.14 -74.33
N LEU A 38 42.55 -17.09 -75.14
CA LEU A 38 43.43 -15.94 -74.91
C LEU A 38 42.77 -14.96 -73.96
N MET A 39 43.59 -14.26 -73.19
CA MET A 39 43.08 -13.28 -72.22
C MET A 39 42.30 -12.17 -72.92
N GLU A 40 42.77 -11.74 -74.09
CA GLU A 40 42.11 -10.66 -74.81
C GLU A 40 40.75 -11.07 -75.36
N GLU A 41 40.47 -12.37 -75.44
CA GLU A 41 39.22 -12.85 -76.03
C GLU A 41 38.02 -12.67 -75.11
N VAL A 42 38.19 -12.87 -73.80
CA VAL A 42 37.08 -12.85 -72.85
C VAL A 42 37.03 -11.56 -72.05
N ALA A 43 37.89 -10.59 -72.36
CA ALA A 43 37.98 -9.36 -71.58
C ALA A 43 36.65 -8.62 -71.55
N GLN A 44 36.07 -8.35 -72.72
CA GLN A 44 34.83 -7.56 -72.76
C GLN A 44 33.66 -8.30 -72.12
N GLU A 45 33.56 -9.62 -72.36
CA GLU A 45 32.48 -10.39 -71.77
C GLU A 45 32.54 -10.36 -70.25
N TYR A 46 33.72 -10.68 -69.67
CA TYR A 46 33.82 -10.65 -68.22
C TYR A 46 33.69 -9.23 -67.69
N HIS A 47 34.08 -8.22 -68.47
CA HIS A 47 33.94 -6.83 -68.03
C HIS A 47 32.48 -6.46 -67.86
N VAL A 48 31.64 -6.75 -68.88
CA VAL A 48 30.23 -6.41 -68.75
C VAL A 48 29.55 -7.27 -67.69
N LYS A 49 29.97 -8.54 -67.56
CA LYS A 49 29.41 -9.40 -66.52
C LYS A 49 29.69 -8.82 -65.14
N LEU A 50 30.93 -8.40 -64.89
CA LEU A 50 31.28 -7.82 -63.60
C LEU A 50 30.64 -6.45 -63.41
N GLN A 51 30.36 -5.73 -64.50
CA GLN A 51 29.62 -4.47 -64.38
C GLN A 51 28.20 -4.73 -63.85
N THR A 52 27.51 -5.72 -64.42
CA THR A 52 26.19 -6.07 -63.93
C THR A 52 26.26 -6.56 -62.48
N ALA A 53 27.30 -7.31 -62.15
CA ALA A 53 27.48 -7.76 -60.76
C ALA A 53 27.67 -6.57 -59.83
N LEU A 54 28.43 -5.57 -60.26
CA LEU A 54 28.61 -4.36 -59.46
C LEU A 54 27.30 -3.63 -59.24
N GLU A 55 26.47 -3.56 -60.28
CA GLU A 55 25.14 -2.95 -60.13
C GLU A 55 24.33 -3.68 -59.06
N MET A 56 24.28 -5.02 -59.16
CA MET A 56 23.54 -5.80 -58.17
C MET A 56 24.09 -5.58 -56.76
N LEU A 57 25.42 -5.52 -56.62
CA LEU A 57 26.01 -5.34 -55.30
C LEU A 57 25.72 -3.96 -54.73
N ARG A 58 25.69 -2.93 -55.58
CA ARG A 58 25.32 -1.60 -55.11
C ARG A 58 23.89 -1.61 -54.57
N GLN A 59 22.96 -2.19 -55.32
CA GLN A 59 21.58 -2.25 -54.85
C GLN A 59 21.48 -3.03 -53.53
N LYS A 60 22.16 -4.17 -53.45
CA LYS A 60 22.08 -4.97 -52.23
C LYS A 60 22.71 -4.28 -51.03
N GLN A 61 23.78 -3.50 -51.26
CA GLN A 61 24.39 -2.76 -50.15
C GLN A 61 23.48 -1.65 -49.66
N GLN A 62 22.79 -0.96 -50.57
CA GLN A 62 21.78 0.00 -50.16
C GLN A 62 20.70 -0.66 -49.31
N GLU A 63 20.22 -1.83 -49.75
CA GLU A 63 19.22 -2.56 -48.98
C GLU A 63 19.74 -2.94 -47.60
N ALA A 64 21.00 -3.36 -47.52
CA ALA A 64 21.56 -3.78 -46.24
C ALA A 64 21.71 -2.62 -45.27
N GLU A 65 22.13 -1.45 -45.76
CA GLU A 65 22.20 -0.29 -44.88
C GLU A 65 20.81 0.13 -44.40
N LYS A 66 19.80 0.02 -45.28
CA LYS A 66 18.43 0.26 -44.85
C LYS A 66 18.02 -0.71 -43.73
N LEU A 67 18.40 -1.98 -43.88
CA LEU A 67 18.10 -2.98 -42.85
C LEU A 67 18.77 -2.64 -41.52
N GLU A 68 20.01 -2.16 -41.58
CA GLU A 68 20.72 -1.73 -40.37
C GLU A 68 19.97 -0.60 -39.66
N ALA A 69 19.57 0.42 -40.42
CA ALA A 69 18.79 1.51 -39.83
C ALA A 69 17.49 0.99 -39.24
N ASP A 70 16.88 0.01 -39.90
CA ASP A 70 15.62 -0.56 -39.41
C ASP A 70 15.81 -1.22 -38.05
N ILE A 71 16.86 -2.03 -37.90
CA ILE A 71 17.04 -2.71 -36.62
C ILE A 71 17.39 -1.72 -35.52
N ARG A 72 18.14 -0.65 -35.84
CA ARG A 72 18.40 0.37 -34.83
C ARG A 72 17.11 1.02 -34.35
N GLU A 73 16.26 1.45 -35.30
CA GLU A 73 14.99 2.07 -34.94
C GLU A 73 14.11 1.10 -34.15
N GLU A 74 14.17 -0.20 -34.49
CA GLU A 74 13.38 -1.19 -33.76
C GLU A 74 13.82 -1.31 -32.31
N LYS A 75 15.13 -1.35 -32.04
CA LYS A 75 15.54 -1.45 -30.64
C LYS A 75 15.19 -0.19 -29.87
N ALA A 76 15.23 0.98 -30.52
CA ALA A 76 14.75 2.19 -29.87
C ALA A 76 13.26 2.06 -29.51
N SER A 77 12.44 1.60 -30.46
CA SER A 77 11.02 1.44 -30.20
C SER A 77 10.77 0.45 -29.06
N TRP A 78 11.60 -0.60 -28.97
CA TRP A 78 11.40 -1.59 -27.92
C TRP A 78 11.76 -1.04 -26.55
N LYS A 79 12.81 -0.24 -26.45
CA LYS A 79 13.11 0.38 -25.16
C LYS A 79 11.97 1.32 -24.75
N ILE A 80 11.40 2.05 -25.71
CA ILE A 80 10.24 2.88 -25.40
C ILE A 80 9.08 2.04 -24.89
N GLN A 81 8.80 0.91 -25.54
CA GLN A 81 7.72 0.04 -25.12
C GLN A 81 7.94 -0.50 -23.71
N ILE A 82 9.18 -0.85 -23.38
CA ILE A 82 9.48 -1.36 -22.05
C ILE A 82 9.25 -0.27 -21.00
N ASP A 83 9.65 0.96 -21.31
CA ASP A 83 9.37 2.07 -20.39
C ASP A 83 7.86 2.23 -20.17
N TYR A 84 7.08 2.16 -21.25
CA TYR A 84 5.63 2.23 -21.13
C TYR A 84 5.09 1.15 -20.20
N ASP A 85 5.56 -0.09 -20.39
CA ASP A 85 5.05 -1.19 -19.57
C ASP A 85 5.43 -1.02 -18.10
N LYS A 86 6.64 -0.54 -17.83
CA LYS A 86 7.05 -0.32 -16.45
C LYS A 86 6.17 0.73 -15.77
N THR A 87 5.90 1.84 -16.47
CA THR A 87 5.02 2.86 -15.91
C THR A 87 3.62 2.29 -15.68
N ASN A 88 3.14 1.45 -16.59
CA ASN A 88 1.82 0.84 -16.43
C ASN A 88 1.76 -0.03 -15.18
N VAL A 89 2.79 -0.85 -14.96
CA VAL A 89 2.80 -1.73 -13.79
C VAL A 89 2.83 -0.91 -12.50
N SER A 90 3.66 0.15 -12.48
CA SER A 90 3.72 0.99 -11.29
C SER A 90 2.38 1.65 -11.01
N ALA A 91 1.68 2.10 -12.07
CA ALA A 91 0.38 2.73 -11.87
C ALA A 91 -0.64 1.73 -11.34
N ASP A 92 -0.61 0.49 -11.84
CA ASP A 92 -1.54 -0.52 -11.32
C ASP A 92 -1.30 -0.81 -9.84
N PHE A 93 -0.02 -0.92 -9.45
CA PHE A 93 0.29 -1.15 -8.05
C PHE A 93 -0.15 0.03 -7.19
N GLU A 94 -0.01 1.26 -7.71
CA GLU A 94 -0.49 2.42 -6.97
C GLU A 94 -1.99 2.40 -6.79
N GLN A 95 -2.73 1.98 -7.83
CA GLN A 95 -4.18 1.83 -7.72
C GLN A 95 -4.54 0.84 -6.62
N LEU A 96 -3.87 -0.32 -6.61
CA LEU A 96 -4.12 -1.32 -5.56
C LEU A 96 -3.84 -0.74 -4.18
N ARG A 97 -2.73 -0.01 -4.03
CA ARG A 97 -2.40 0.58 -2.73
C ARG A 97 -3.45 1.59 -2.29
N GLU A 98 -4.00 2.35 -3.24
CA GLU A 98 -5.03 3.33 -2.90
C GLU A 98 -6.31 2.67 -2.41
N ILE A 99 -6.76 1.63 -3.12
CA ILE A 99 -7.98 0.97 -2.65
C ILE A 99 -7.74 0.26 -1.32
N LEU A 100 -6.50 -0.19 -1.07
CA LEU A 100 -6.17 -0.77 0.22
C LEU A 100 -6.27 0.28 1.33
N ASP A 101 -5.75 1.48 1.07
CA ASP A 101 -5.89 2.58 2.03
C ASP A 101 -7.36 2.85 2.34
N TRP A 102 -8.20 2.88 1.30
CA TRP A 102 -9.62 3.15 1.52
C TRP A 102 -10.27 2.07 2.38
N GLU A 103 -9.96 0.80 2.11
CA GLU A 103 -10.52 -0.28 2.91
C GLU A 103 -10.07 -0.18 4.36
N GLU A 104 -8.79 0.15 4.59
CA GLU A 104 -8.32 0.34 5.95
C GLU A 104 -9.08 1.44 6.67
N SER A 105 -9.29 2.57 6.00
CA SER A 105 -10.05 3.66 6.60
C SER A 105 -11.47 3.23 6.94
N ASN A 106 -12.10 2.46 6.05
CA ASN A 106 -13.46 1.99 6.31
C ASN A 106 -13.51 1.11 7.55
N GLU A 107 -12.58 0.16 7.67
CA GLU A 107 -12.58 -0.72 8.84
C GLU A 107 -12.33 0.06 10.12
N LEU A 108 -11.41 1.03 10.08
CA LEU A 108 -11.13 1.83 11.27
C LEU A 108 -12.37 2.61 11.70
N GLN A 109 -13.09 3.19 10.74
CA GLN A 109 -14.29 3.95 11.07
C GLN A 109 -15.38 3.04 11.64
N ASN A 110 -15.51 1.82 11.09
CA ASN A 110 -16.47 0.88 11.65
C ASN A 110 -16.15 0.56 13.11
N LEU A 111 -14.88 0.31 13.41
CA LEU A 111 -14.51 -0.01 14.79
C LEU A 111 -14.76 1.18 15.71
N GLU A 112 -14.48 2.39 15.23
CA GLU A 112 -14.74 3.57 16.05
C GLU A 112 -16.23 3.76 16.31
N LYS A 113 -17.07 3.49 15.31
CA LYS A 113 -18.51 3.58 15.53
C LYS A 113 -18.98 2.56 16.57
N GLU A 114 -18.46 1.33 16.49
CA GLU A 114 -18.82 0.34 17.50
C GLU A 114 -18.39 0.78 18.89
N GLU A 115 -17.18 1.34 19.00
CA GLU A 115 -16.71 1.85 20.29
C GLU A 115 -17.62 2.95 20.81
N GLU A 116 -18.05 3.86 19.93
CA GLU A 116 -18.95 4.94 20.34
C GLU A 116 -20.26 4.38 20.88
N ASP A 117 -20.84 3.41 20.19
CA ASP A 117 -22.10 2.82 20.65
C ASP A 117 -21.94 2.17 22.01
N ILE A 118 -20.90 1.35 22.17
CA ILE A 118 -20.67 0.67 23.44
C ILE A 118 -20.46 1.69 24.55
N LEU A 119 -19.71 2.75 24.28
CA LEU A 119 -19.42 3.74 25.32
C LEU A 119 -20.67 4.52 25.71
N LYS A 120 -21.53 4.85 24.75
CA LYS A 120 -22.74 5.58 25.13
C LYS A 120 -23.69 4.69 25.94
N SER A 121 -23.78 3.41 25.58
CA SER A 121 -24.61 2.49 26.36
C SER A 121 -24.08 2.37 27.80
N LEU A 122 -22.76 2.18 27.94
CA LEU A 122 -22.18 2.07 29.26
C LEU A 122 -22.29 3.37 30.05
N THR A 123 -22.26 4.52 29.37
CA THR A 123 -22.42 5.79 30.07
C THR A 123 -23.85 5.95 30.59
N LYS A 124 -24.85 5.54 29.81
CA LYS A 124 -26.22 5.58 30.30
C LYS A 124 -26.39 4.66 31.51
N SER A 125 -25.83 3.45 31.43
CA SER A 125 -25.93 2.53 32.57
C SER A 125 -25.22 3.07 33.80
N GLU A 126 -24.06 3.72 33.60
CA GLU A 126 -23.35 4.31 34.72
C GLU A 126 -24.12 5.48 35.33
N THR A 127 -24.81 6.25 34.49
CA THR A 127 -25.69 7.30 35.01
C THR A 127 -26.78 6.71 35.89
N GLU A 128 -27.40 5.61 35.44
CA GLU A 128 -28.40 4.95 36.27
C GLU A 128 -27.79 4.48 37.59
N MET A 129 -26.58 3.93 37.54
CA MET A 129 -25.96 3.41 38.76
C MET A 129 -25.64 4.54 39.75
N VAL A 130 -25.11 5.65 39.25
CA VAL A 130 -24.80 6.76 40.17
C VAL A 130 -26.08 7.38 40.71
N GLN A 131 -27.15 7.41 39.92
CA GLN A 131 -28.43 7.90 40.44
C GLN A 131 -28.93 7.01 41.57
N GLN A 132 -28.82 5.68 41.41
CA GLN A 132 -29.28 4.80 42.47
C GLN A 132 -28.39 4.90 43.71
N THR A 133 -27.09 5.12 43.53
CA THR A 133 -26.22 5.32 44.70
C THR A 133 -26.58 6.60 45.43
N GLN A 134 -26.89 7.67 44.69
CA GLN A 134 -27.29 8.92 45.34
C GLN A 134 -28.63 8.75 46.06
N TYR A 135 -29.53 7.95 45.49
CA TYR A 135 -30.79 7.66 46.16
C TYR A 135 -30.56 6.91 47.47
N MET A 136 -29.63 5.95 47.46
CA MET A 136 -29.26 5.24 48.69
C MET A 136 -28.71 6.21 49.73
N ARG A 137 -27.81 7.10 49.31
CA ARG A 137 -27.25 8.07 50.24
C ARG A 137 -28.32 8.99 50.82
N GLU A 138 -29.28 9.40 49.99
CA GLU A 138 -30.38 10.25 50.48
C GLU A 138 -31.22 9.51 51.52
N LEU A 139 -31.54 8.25 51.26
CA LEU A 139 -32.32 7.48 52.23
C LEU A 139 -31.55 7.29 53.53
N ILE A 140 -30.23 7.08 53.44
CA ILE A 140 -29.41 6.93 54.64
C ILE A 140 -29.43 8.23 55.46
N SER A 141 -29.30 9.37 54.78
CA SER A 141 -29.35 10.65 55.49
C SER A 141 -30.71 10.86 56.15
N GLU A 142 -31.79 10.49 55.47
CA GLU A 142 -33.11 10.63 56.06
C GLU A 142 -33.26 9.74 57.30
N LEU A 143 -32.76 8.51 57.23
CA LEU A 143 -32.84 7.64 58.40
C LEU A 143 -32.00 8.18 59.56
N GLU A 144 -30.83 8.76 59.25
CA GLU A 144 -30.03 9.38 60.31
C GLU A 144 -30.81 10.50 60.99
N HIS A 145 -31.40 11.39 60.19
CA HIS A 145 -32.22 12.46 60.75
C HIS A 145 -33.38 11.89 61.57
N ARG A 146 -33.95 10.77 61.12
CA ARG A 146 -35.04 10.15 61.86
C ARG A 146 -34.56 9.64 63.22
N LEU A 147 -33.37 9.05 63.26
CA LEU A 147 -32.85 8.47 64.49
C LEU A 147 -32.26 9.49 65.45
N GLN A 148 -32.00 10.72 65.00
CA GLN A 148 -31.42 11.70 65.90
C GLN A 148 -32.42 12.72 66.44
N GLY A 149 -33.53 12.97 65.74
CA GLY A 149 -34.41 14.06 66.06
C GLY A 149 -35.49 13.73 67.07
N SER A 150 -36.61 14.44 66.96
CA SER A 150 -37.71 14.32 67.90
C SER A 150 -38.45 12.99 67.71
N MET A 151 -39.34 12.70 68.66
CA MET A 151 -40.19 11.53 68.54
C MET A 151 -41.23 11.72 67.42
N MET A 152 -41.79 12.92 67.31
CA MET A 152 -42.71 13.21 66.22
C MET A 152 -42.01 13.13 64.88
N ASP A 153 -40.77 13.64 64.80
CA ASP A 153 -39.96 13.45 63.60
C ASP A 153 -39.76 11.97 63.30
N LEU A 154 -39.51 11.17 64.33
CA LEU A 154 -39.24 9.75 64.14
C LEU A 154 -40.47 9.01 63.64
N LEU A 155 -41.66 9.42 64.11
CA LEU A 155 -42.87 8.64 63.84
C LEU A 155 -43.70 9.16 62.67
N GLN A 156 -43.54 10.43 62.28
CA GLN A 156 -44.39 10.98 61.22
C GLN A 156 -43.98 10.38 59.88
N GLY A 157 -44.93 9.70 59.23
CA GLY A 157 -44.66 9.09 57.94
C GLY A 157 -43.61 8.01 57.98
N VAL A 158 -43.46 7.30 59.10
CA VAL A 158 -42.43 6.30 59.22
C VAL A 158 -42.78 5.06 58.40
N ASP A 159 -44.07 4.72 58.32
CA ASP A 159 -44.47 3.56 57.54
C ASP A 159 -44.21 3.78 56.06
N GLY A 160 -44.33 5.02 55.58
CA GLY A 160 -43.99 5.31 54.21
C GLY A 160 -42.54 5.02 53.89
N ILE A 161 -41.64 5.46 54.78
CA ILE A 161 -40.21 5.20 54.57
C ILE A 161 -39.93 3.70 54.68
N ILE A 162 -40.58 3.01 55.62
CA ILE A 162 -40.38 1.57 55.76
C ILE A 162 -40.80 0.86 54.48
N LYS A 163 -41.96 1.22 53.93
CA LYS A 163 -42.43 0.60 52.68
C LYS A 163 -41.53 0.97 51.51
N ARG A 164 -40.99 2.19 51.49
CA ARG A 164 -40.04 2.58 50.45
C ARG A 164 -38.79 1.72 50.51
N ILE A 165 -38.33 1.38 51.72
CA ILE A 165 -37.15 0.53 51.85
C ILE A 165 -37.49 -0.93 51.56
N GLU A 166 -38.73 -1.35 51.81
CA GLU A 166 -39.11 -2.73 51.53
C GLU A 166 -38.98 -3.07 50.05
N ASN A 167 -39.33 -2.13 49.17
CA ASN A 167 -39.25 -2.33 47.73
C ASN A 167 -37.87 -2.02 47.18
N MET A 168 -36.81 -2.35 47.93
CA MET A 168 -35.45 -2.01 47.54
C MET A 168 -34.92 -3.08 46.59
N THR A 169 -35.22 -2.91 45.30
CA THR A 169 -34.70 -3.77 44.26
C THR A 169 -33.50 -3.09 43.63
N LEU A 170 -32.31 -3.60 43.93
CA LEU A 170 -31.08 -3.00 43.43
C LEU A 170 -30.89 -3.36 41.95
N LYS A 171 -30.52 -2.37 41.15
CA LYS A 171 -30.41 -2.53 39.71
C LYS A 171 -28.97 -2.89 39.33
N LYS A 172 -28.83 -3.90 38.44
CA LYS A 172 -27.56 -4.38 37.90
C LYS A 172 -27.19 -3.58 36.66
N PRO A 173 -25.89 -3.39 36.41
CA PRO A 173 -25.48 -2.64 35.22
C PRO A 173 -25.51 -3.50 33.97
N LYS A 174 -25.71 -2.83 32.83
CA LYS A 174 -25.69 -3.51 31.55
C LYS A 174 -24.26 -3.89 31.17
N THR A 175 -24.11 -5.05 30.52
CA THR A 175 -22.79 -5.52 30.14
C THR A 175 -22.89 -6.42 28.92
N PHE A 176 -21.77 -6.52 28.20
CA PHE A 176 -21.61 -7.45 27.09
C PHE A 176 -20.15 -7.89 27.08
N HIS A 177 -19.91 -9.10 26.61
CA HIS A 177 -18.56 -9.66 26.62
C HIS A 177 -18.33 -10.51 25.38
N LYS A 178 -17.38 -10.09 24.55
CA LYS A 178 -16.84 -10.89 23.45
C LYS A 178 -17.94 -11.42 22.54
N ASN A 179 -18.83 -10.52 22.14
CA ASN A 179 -19.91 -10.83 21.19
C ASN A 179 -19.77 -10.02 19.90
N GLN A 180 -18.54 -9.63 19.57
CA GLN A 180 -18.27 -8.81 18.40
C GLN A 180 -17.23 -9.49 17.51
N ARG A 181 -17.18 -9.04 16.25
CA ARG A 181 -16.22 -9.55 15.29
C ARG A 181 -15.80 -8.43 14.35
N ARG A 182 -14.53 -8.48 13.93
CA ARG A 182 -13.99 -7.49 13.03
C ARG A 182 -12.78 -8.06 12.27
N VAL A 183 -13.05 -8.83 11.22
CA VAL A 183 -12.01 -9.51 10.46
C VAL A 183 -11.54 -8.60 9.33
N PHE A 184 -10.23 -8.61 9.10
CA PHE A 184 -9.62 -7.84 8.02
C PHE A 184 -9.38 -8.77 6.82
N ARG A 185 -8.53 -8.33 5.89
CA ARG A 185 -8.28 -9.10 4.68
C ARG A 185 -7.33 -10.26 4.99
N ALA A 186 -7.77 -11.47 4.70
CA ALA A 186 -6.95 -12.67 4.90
C ALA A 186 -6.01 -12.85 3.70
N PRO A 187 -4.76 -13.29 3.94
CA PRO A 187 -3.80 -13.39 2.84
C PRO A 187 -4.15 -14.45 1.81
N ASP A 188 -5.37 -14.41 1.28
CA ASP A 188 -5.74 -15.27 0.17
C ASP A 188 -5.24 -14.74 -1.17
N LEU A 189 -5.02 -13.43 -1.26
CA LEU A 189 -4.44 -12.85 -2.48
C LEU A 189 -3.05 -13.39 -2.74
N LYS A 190 -2.33 -13.77 -1.68
CA LYS A 190 -1.00 -14.34 -1.85
C LYS A 190 -1.08 -15.67 -2.59
N GLY A 191 -2.07 -16.50 -2.27
CA GLY A 191 -2.29 -17.72 -3.03
C GLY A 191 -2.75 -17.43 -4.43
N MET A 192 -3.53 -16.36 -4.62
CA MET A 192 -4.02 -16.00 -5.94
C MET A 192 -2.86 -15.60 -6.86
N LEU A 193 -1.85 -14.94 -6.29
CA LEU A 193 -0.69 -14.51 -7.08
C LEU A 193 0.14 -15.71 -7.55
N GLU B 1 5.66 17.93 0.46
CA GLU B 1 4.35 17.36 0.71
C GLU B 1 3.36 17.71 -0.39
N LYS B 2 2.77 16.70 -1.01
CA LYS B 2 1.83 16.88 -2.10
C LYS B 2 0.42 16.54 -1.64
N THR B 3 -0.54 17.34 -2.10
CA THR B 3 -1.94 17.10 -1.74
C THR B 3 -2.47 15.90 -2.52
N PHE B 4 -3.76 15.61 -2.34
CA PHE B 4 -4.36 14.46 -3.01
C PHE B 4 -4.44 14.68 -4.51
N LYS B 5 -4.93 15.85 -4.93
CA LYS B 5 -5.03 16.16 -6.35
C LYS B 5 -3.68 16.25 -7.03
N GLN B 6 -2.60 16.42 -6.25
CA GLN B 6 -1.25 16.44 -6.82
C GLN B 6 -0.62 15.07 -6.87
N ARG B 7 -1.06 14.12 -6.04
CA ARG B 7 -0.51 12.78 -6.07
C ARG B 7 -1.17 11.91 -7.14
N ARG B 8 -2.42 12.22 -7.50
CA ARG B 8 -3.14 11.44 -8.51
C ARG B 8 -3.75 12.39 -9.54
N THR B 9 -3.84 11.91 -10.78
CA THR B 9 -4.40 12.69 -11.87
C THR B 9 -5.93 12.70 -11.78
N PHE B 10 -6.55 13.43 -12.72
CA PHE B 10 -8.00 13.56 -12.70
C PHE B 10 -8.69 12.26 -13.07
N GLU B 11 -8.26 11.63 -14.18
CA GLU B 11 -8.86 10.38 -14.60
C GLU B 11 -8.68 9.29 -13.55
N GLN B 12 -7.50 9.25 -12.92
CA GLN B 12 -7.25 8.31 -11.84
C GLN B 12 -8.21 8.54 -10.68
N ARG B 13 -8.48 9.80 -10.34
CA ARG B 13 -9.40 10.10 -9.26
C ARG B 13 -10.82 9.70 -9.62
N VAL B 14 -11.23 9.92 -10.87
CA VAL B 14 -12.57 9.51 -11.31
C VAL B 14 -12.70 8.00 -11.23
N GLU B 15 -11.66 7.27 -11.65
CA GLU B 15 -11.70 5.82 -11.57
C GLU B 15 -11.75 5.34 -10.11
N ASP B 16 -11.02 6.02 -9.22
CA ASP B 16 -11.09 5.68 -7.80
C ASP B 16 -12.49 5.89 -7.26
N VAL B 17 -13.12 7.02 -7.62
CA VAL B 17 -14.49 7.27 -7.19
C VAL B 17 -15.42 6.19 -7.70
N ARG B 18 -15.26 5.79 -8.97
CA ARG B 18 -16.11 4.76 -9.54
C ARG B 18 -15.96 3.44 -8.80
N LEU B 19 -14.71 3.03 -8.55
CA LEU B 19 -14.47 1.78 -7.85
C LEU B 19 -15.04 1.81 -6.43
N ILE B 20 -14.91 2.95 -5.75
CA ILE B 20 -15.44 3.05 -4.39
C ILE B 20 -16.97 3.00 -4.40
N ARG B 21 -17.60 3.71 -5.34
CA ARG B 21 -19.05 3.67 -5.45
C ARG B 21 -19.54 2.26 -5.80
N GLU B 22 -18.74 1.51 -6.56
CA GLU B 22 -19.11 0.13 -6.87
C GLU B 22 -18.96 -0.77 -5.65
N GLN B 23 -17.94 -0.51 -4.82
CA GLN B 23 -17.70 -1.35 -3.66
C GLN B 23 -18.59 -0.96 -2.48
N HIS B 24 -18.65 0.34 -2.17
CA HIS B 24 -19.42 0.86 -1.04
C HIS B 24 -20.45 1.85 -1.57
N PRO B 25 -21.58 1.36 -2.08
CA PRO B 25 -22.61 2.29 -2.58
C PRO B 25 -23.31 3.06 -1.49
N THR B 26 -23.43 2.49 -0.29
CA THR B 26 -24.12 3.12 0.82
C THR B 26 -23.25 4.15 1.55
N LYS B 27 -22.08 4.47 1.02
CA LYS B 27 -21.14 5.37 1.69
C LYS B 27 -20.65 6.43 0.72
N ILE B 28 -20.19 7.53 1.29
CA ILE B 28 -19.71 8.70 0.54
C ILE B 28 -18.22 8.84 0.79
N PRO B 29 -17.40 9.00 -0.26
CA PRO B 29 -15.95 9.22 -0.05
C PRO B 29 -15.62 10.68 0.15
N VAL B 30 -14.88 11.00 1.21
CA VAL B 30 -14.54 12.37 1.57
C VAL B 30 -13.04 12.45 1.78
N ILE B 31 -12.43 13.47 1.19
CA ILE B 31 -11.00 13.75 1.36
C ILE B 31 -10.88 14.98 2.25
N ILE B 32 -10.20 14.83 3.38
CA ILE B 32 -10.06 15.90 4.37
C ILE B 32 -8.58 16.14 4.60
N GLU B 33 -8.15 17.40 4.42
CA GLU B 33 -6.76 17.78 4.56
C GLU B 33 -6.67 19.06 5.38
N ARG B 34 -5.46 19.35 5.86
CA ARG B 34 -5.24 20.57 6.63
C ARG B 34 -5.14 21.78 5.70
N TYR B 35 -5.40 22.95 6.27
CA TYR B 35 -5.32 24.19 5.51
C TYR B 35 -3.89 24.45 5.05
N LYS B 36 -3.77 25.27 3.99
CA LYS B 36 -2.45 25.53 3.41
C LYS B 36 -1.53 26.23 4.39
N GLY B 37 -2.07 27.14 5.21
CA GLY B 37 -1.23 27.92 6.09
C GLY B 37 -1.63 27.93 7.56
N GLU B 38 -2.38 26.91 7.99
CA GLU B 38 -2.78 26.81 9.39
C GLU B 38 -1.67 26.12 10.18
N LYS B 39 -1.33 26.69 11.33
CA LYS B 39 -0.25 26.18 12.16
C LYS B 39 -0.69 25.59 13.49
N GLN B 40 -1.84 26.04 14.03
CA GLN B 40 -2.27 25.58 15.34
C GLN B 40 -2.65 24.10 15.35
N LEU B 41 -2.99 23.53 14.20
CA LEU B 41 -3.41 22.14 14.19
C LEU B 41 -2.40 21.26 13.46
N PRO B 42 -2.18 20.04 13.92
CA PRO B 42 -1.23 19.14 13.26
C PRO B 42 -1.87 18.50 12.02
N VAL B 43 -1.07 17.68 11.34
CA VAL B 43 -1.50 17.00 10.11
C VAL B 43 -1.87 15.57 10.48
N LEU B 44 -3.10 15.19 10.18
CA LEU B 44 -3.57 13.84 10.44
C LEU B 44 -2.88 12.81 9.54
N ASP B 45 -2.75 11.60 10.07
CA ASP B 45 -2.16 10.52 9.28
C ASP B 45 -3.12 10.09 8.17
N LYS B 46 -4.40 9.90 8.50
CA LYS B 46 -5.41 9.46 7.55
C LYS B 46 -5.95 10.65 6.77
N THR B 47 -6.25 10.41 5.49
CA THR B 47 -6.77 11.44 4.61
C THR B 47 -8.16 11.12 4.04
N LYS B 48 -8.53 9.84 3.97
CA LYS B 48 -9.75 9.42 3.31
C LYS B 48 -10.78 8.92 4.34
N PHE B 49 -12.05 9.21 4.10
CA PHE B 49 -13.12 8.84 5.01
C PHE B 49 -14.33 8.36 4.22
N LEU B 50 -14.89 7.22 4.62
CA LEU B 50 -16.14 6.73 4.06
C LEU B 50 -17.25 6.97 5.07
N VAL B 51 -18.19 7.85 4.73
CA VAL B 51 -19.22 8.29 5.66
C VAL B 51 -20.56 7.76 5.19
N PRO B 52 -21.36 7.13 6.05
CA PRO B 52 -22.68 6.65 5.61
C PRO B 52 -23.57 7.79 5.13
N ASP B 53 -24.64 7.41 4.42
CA ASP B 53 -25.50 8.41 3.79
C ASP B 53 -26.36 9.13 4.83
N HIS B 54 -27.09 8.37 5.64
CA HIS B 54 -28.01 8.97 6.62
C HIS B 54 -27.30 9.85 7.63
N VAL B 55 -25.98 9.72 7.77
CA VAL B 55 -25.23 10.45 8.77
C VAL B 55 -25.21 11.93 8.42
N ASN B 56 -25.29 12.78 9.45
CA ASN B 56 -25.24 14.23 9.27
C ASN B 56 -23.81 14.74 9.44
N MET B 57 -23.63 16.05 9.30
CA MET B 57 -22.32 16.66 9.45
C MET B 57 -21.76 16.54 10.87
N SER B 58 -22.63 16.38 11.86
CA SER B 58 -22.18 16.35 13.25
C SER B 58 -21.23 15.19 13.51
N GLU B 59 -21.55 14.01 12.98
CA GLU B 59 -20.69 12.85 13.20
C GLU B 59 -19.33 13.04 12.54
N LEU B 60 -19.29 13.61 11.34
CA LEU B 60 -18.01 13.87 10.69
C LEU B 60 -17.18 14.90 11.47
N ILE B 61 -17.83 15.97 11.93
CA ILE B 61 -17.12 16.99 12.70
C ILE B 61 -16.56 16.39 13.99
N LYS B 62 -17.36 15.56 14.68
CA LYS B 62 -16.86 14.98 15.93
C LYS B 62 -15.77 13.93 15.67
N ILE B 63 -15.85 13.22 14.54
CA ILE B 63 -14.76 12.31 14.18
C ILE B 63 -13.47 13.08 13.95
N ILE B 64 -13.56 14.21 13.25
CA ILE B 64 -12.36 15.03 13.02
C ILE B 64 -11.84 15.60 14.34
N ARG B 65 -12.75 15.97 15.24
CA ARG B 65 -12.31 16.49 16.53
C ARG B 65 -11.66 15.43 17.40
N ARG B 66 -12.11 14.17 17.28
CA ARG B 66 -11.50 13.08 18.04
C ARG B 66 -10.17 12.66 17.45
N ARG B 67 -10.06 12.67 16.12
CA ARG B 67 -8.80 12.30 15.48
C ARG B 67 -7.71 13.33 15.81
N LEU B 68 -8.08 14.61 15.86
CA LEU B 68 -7.14 15.68 16.17
C LEU B 68 -6.85 15.80 17.66
N GLN B 69 -7.58 15.07 18.50
CA GLN B 69 -7.42 15.11 19.96
C GLN B 69 -7.58 16.55 20.49
N LEU B 70 -8.82 17.02 20.43
CA LEU B 70 -9.17 18.38 20.83
C LEU B 70 -10.25 18.36 21.90
N ASN B 71 -10.07 19.19 22.91
CA ASN B 71 -11.10 19.38 23.93
C ASN B 71 -12.32 20.11 23.35
N ALA B 72 -13.43 20.03 24.09
CA ALA B 72 -14.69 20.56 23.59
C ALA B 72 -14.69 22.09 23.49
N ASN B 73 -13.91 22.77 24.33
CA ASN B 73 -13.95 24.23 24.33
C ASN B 73 -13.29 24.81 23.08
N GLN B 74 -12.18 24.22 22.65
CA GLN B 74 -11.48 24.72 21.46
C GLN B 74 -12.27 24.34 20.22
N ALA B 75 -12.48 25.33 19.35
CA ALA B 75 -13.27 25.14 18.14
C ALA B 75 -12.38 25.24 16.89
N PHE B 76 -12.92 24.74 15.78
CA PHE B 76 -12.21 24.74 14.52
C PHE B 76 -13.23 24.86 13.39
N PHE B 77 -12.75 25.30 12.23
CA PHE B 77 -13.60 25.47 11.06
C PHE B 77 -13.34 24.33 10.08
N LEU B 78 -14.41 23.75 9.55
CA LEU B 78 -14.34 22.70 8.54
C LEU B 78 -15.03 23.21 7.28
N LEU B 79 -14.25 23.69 6.33
CA LEU B 79 -14.77 24.26 5.10
C LEU B 79 -14.84 23.20 4.01
N VAL B 80 -15.86 23.35 3.14
CA VAL B 80 -16.09 22.43 2.03
C VAL B 80 -15.80 23.19 0.73
N ASN B 81 -14.88 22.68 -0.07
CA ASN B 81 -14.45 23.27 -1.34
C ASN B 81 -13.90 24.69 -1.16
N GLY B 82 -13.46 25.04 0.04
CA GLY B 82 -12.96 26.38 0.29
C GLY B 82 -13.99 27.41 0.66
N HIS B 83 -15.17 27.00 1.13
CA HIS B 83 -16.22 27.92 1.51
C HIS B 83 -17.09 27.27 2.57
N SER B 84 -17.36 27.99 3.65
CA SER B 84 -18.06 27.40 4.79
C SER B 84 -19.53 27.20 4.49
N MET B 85 -20.04 26.02 4.82
CA MET B 85 -21.47 25.76 4.76
C MET B 85 -21.85 24.73 5.83
N VAL B 86 -21.29 24.87 7.02
CA VAL B 86 -21.42 23.85 8.06
C VAL B 86 -22.79 23.89 8.70
N SER B 87 -23.83 23.62 7.91
CA SER B 87 -25.15 23.36 8.47
C SER B 87 -25.12 21.98 9.13
N VAL B 88 -24.76 21.96 10.41
CA VAL B 88 -24.43 20.70 11.09
C VAL B 88 -25.57 19.70 11.02
N SER B 89 -26.81 20.16 10.89
CA SER B 89 -27.96 19.28 10.90
C SER B 89 -28.20 18.57 9.56
N THR B 90 -27.65 19.10 8.47
CA THR B 90 -27.97 18.54 7.16
C THR B 90 -27.29 17.18 6.98
N PRO B 91 -27.95 16.24 6.30
CA PRO B 91 -27.28 14.97 6.00
C PRO B 91 -26.14 15.16 5.01
N ILE B 92 -25.14 14.29 5.12
CA ILE B 92 -23.97 14.39 4.26
C ILE B 92 -24.30 14.05 2.81
N SER B 93 -25.41 13.35 2.57
CA SER B 93 -25.81 13.04 1.19
C SER B 93 -26.13 14.32 0.43
N GLU B 94 -26.82 15.26 1.07
CA GLU B 94 -27.12 16.54 0.42
C GLU B 94 -25.85 17.35 0.20
N VAL B 95 -24.94 17.35 1.17
CA VAL B 95 -23.66 18.04 1.00
C VAL B 95 -22.90 17.47 -0.18
N TYR B 96 -22.93 16.14 -0.34
CA TYR B 96 -22.24 15.51 -1.46
C TYR B 96 -22.91 15.87 -2.78
N GLU B 97 -24.23 15.81 -2.83
CA GLU B 97 -24.94 16.13 -4.08
C GLU B 97 -24.84 17.59 -4.44
N SER B 98 -24.54 18.47 -3.49
CA SER B 98 -24.47 19.90 -3.76
C SER B 98 -23.05 20.41 -4.00
N GLU B 99 -22.05 19.89 -3.29
CA GLU B 99 -20.73 20.48 -3.28
C GLU B 99 -19.63 19.49 -3.68
N LYS B 100 -19.98 18.38 -4.33
CA LYS B 100 -18.95 17.45 -4.76
C LYS B 100 -18.09 18.05 -5.87
N ASP B 101 -16.87 17.53 -5.98
CA ASP B 101 -15.93 18.00 -6.98
C ASP B 101 -16.32 17.44 -8.34
N GLU B 102 -15.60 17.87 -9.38
CA GLU B 102 -15.86 17.37 -10.73
C GLU B 102 -15.51 15.89 -10.86
N ASP B 103 -14.49 15.43 -10.15
CA ASP B 103 -14.06 14.04 -10.29
C ASP B 103 -14.97 13.08 -9.53
N GLY B 104 -15.65 13.56 -8.50
CA GLY B 104 -16.54 12.73 -7.70
C GLY B 104 -16.24 12.69 -6.22
N PHE B 105 -15.07 13.15 -5.78
CA PHE B 105 -14.75 13.17 -4.37
C PHE B 105 -15.40 14.37 -3.69
N LEU B 106 -15.36 14.37 -2.35
CA LEU B 106 -15.84 15.47 -1.52
C LEU B 106 -14.67 16.00 -0.72
N TYR B 107 -14.24 17.23 -1.02
CA TYR B 107 -13.03 17.80 -0.45
C TYR B 107 -13.38 18.74 0.71
N MET B 108 -12.68 18.58 1.83
CA MET B 108 -12.88 19.42 3.00
C MET B 108 -11.52 19.79 3.57
N VAL B 109 -11.52 20.88 4.35
CA VAL B 109 -10.29 21.43 4.94
C VAL B 109 -10.61 21.89 6.36
N TYR B 110 -9.66 21.71 7.28
CA TYR B 110 -9.84 22.14 8.66
C TYR B 110 -8.83 23.21 9.03
N ALA B 111 -9.29 24.20 9.79
CA ALA B 111 -8.48 25.35 10.20
C ALA B 111 -8.99 25.82 11.56
N SER B 112 -8.44 26.93 12.05
CA SER B 112 -8.83 27.39 13.38
C SER B 112 -8.70 28.90 13.57
N GLN B 113 -7.47 29.41 13.61
CA GLN B 113 -7.24 30.81 13.97
C GLN B 113 -7.23 31.69 12.72
N GLU B 114 -8.11 32.69 12.71
CA GLU B 114 -8.19 33.67 11.62
C GLU B 114 -8.34 33.00 10.25
N GLU C 1 13.40 10.79 9.26
CA GLU C 1 13.53 9.65 8.37
C GLU C 1 13.89 8.38 9.14
N LYS C 2 13.07 7.35 8.99
CA LYS C 2 13.25 6.08 9.69
C LYS C 2 13.70 4.99 8.72
N THR C 3 14.64 4.17 9.16
CA THR C 3 15.16 3.07 8.37
C THR C 3 14.14 1.92 8.34
N PHE C 4 14.54 0.82 7.71
CA PHE C 4 13.65 -0.34 7.58
C PHE C 4 13.42 -1.00 8.94
N LYS C 5 14.49 -1.24 9.69
CA LYS C 5 14.35 -1.87 11.01
C LYS C 5 13.58 -1.00 11.99
N GLN C 6 13.46 0.30 11.71
CA GLN C 6 12.66 1.18 12.56
C GLN C 6 11.20 1.26 12.12
N ARG C 7 10.91 0.94 10.84
CA ARG C 7 9.53 0.96 10.38
C ARG C 7 8.79 -0.32 10.71
N ARG C 8 9.51 -1.43 10.86
CA ARG C 8 8.90 -2.71 11.20
C ARG C 8 9.66 -3.37 12.34
N THR C 9 8.93 -4.11 13.16
CA THR C 9 9.52 -4.78 14.32
C THR C 9 10.28 -6.02 13.87
N PHE C 10 10.94 -6.69 14.83
CA PHE C 10 11.75 -7.85 14.51
C PHE C 10 10.90 -9.04 14.09
N GLU C 11 9.87 -9.35 14.89
CA GLU C 11 9.01 -10.48 14.57
C GLU C 11 8.28 -10.27 13.25
N GLN C 12 7.84 -9.03 13.00
CA GLN C 12 7.21 -8.72 11.71
C GLN C 12 8.18 -8.96 10.57
N ARG C 13 9.45 -8.59 10.74
CA ARG C 13 10.44 -8.81 9.68
C ARG C 13 10.70 -10.31 9.47
N VAL C 14 10.75 -11.08 10.55
CA VAL C 14 10.94 -12.52 10.42
C VAL C 14 9.77 -13.15 9.69
N GLU C 15 8.55 -12.71 10.01
CA GLU C 15 7.37 -13.24 9.32
C GLU C 15 7.38 -12.84 7.85
N ASP C 16 7.83 -11.62 7.54
CA ASP C 16 7.96 -11.20 6.15
C ASP C 16 8.95 -12.09 5.41
N VAL C 17 10.10 -12.37 6.03
CA VAL C 17 11.09 -13.25 5.42
C VAL C 17 10.49 -14.63 5.17
N ARG C 18 9.75 -15.16 6.14
CA ARG C 18 9.16 -16.48 5.98
C ARG C 18 8.16 -16.51 4.84
N LEU C 19 7.27 -15.51 4.79
CA LEU C 19 6.26 -15.47 3.74
C LEU C 19 6.90 -15.30 2.36
N ILE C 20 7.93 -14.47 2.26
CA ILE C 20 8.58 -14.25 0.97
C ILE C 20 9.30 -15.51 0.51
N ARG C 21 10.02 -16.17 1.43
CA ARG C 21 10.68 -17.43 1.07
C ARG C 21 9.68 -18.50 0.70
N GLU C 22 8.48 -18.46 1.29
CA GLU C 22 7.44 -19.40 0.89
C GLU C 22 6.90 -19.08 -0.51
N GLN C 23 6.82 -17.79 -0.85
CA GLN C 23 6.28 -17.40 -2.15
C GLN C 23 7.33 -17.51 -3.24
N HIS C 24 8.54 -16.99 -2.99
CA HIS C 24 9.62 -16.99 -3.97
C HIS C 24 10.78 -17.79 -3.41
N PRO C 25 10.75 -19.12 -3.54
CA PRO C 25 11.87 -19.93 -3.05
C PRO C 25 13.13 -19.77 -3.87
N THR C 26 13.00 -19.47 -5.16
CA THR C 26 14.15 -19.33 -6.04
C THR C 26 14.82 -17.96 -5.95
N LYS C 27 14.40 -17.11 -5.01
CA LYS C 27 14.94 -15.77 -4.91
C LYS C 27 15.29 -15.44 -3.46
N ILE C 28 16.18 -14.46 -3.33
CA ILE C 28 16.73 -14.01 -2.05
C ILE C 28 16.23 -12.59 -1.81
N PRO C 29 15.71 -12.28 -0.61
CA PRO C 29 15.30 -10.90 -0.31
C PRO C 29 16.44 -10.05 0.20
N VAL C 30 16.64 -8.88 -0.39
CA VAL C 30 17.75 -7.98 -0.08
C VAL C 30 17.19 -6.60 0.19
N ILE C 31 17.64 -5.97 1.27
CA ILE C 31 17.27 -4.60 1.61
C ILE C 31 18.48 -3.72 1.32
N ILE C 32 18.30 -2.74 0.44
CA ILE C 32 19.37 -1.85 0.01
C ILE C 32 18.91 -0.42 0.26
N GLU C 33 19.72 0.34 1.01
CA GLU C 33 19.40 1.72 1.35
C GLU C 33 20.63 2.59 1.16
N ARG C 34 20.39 3.89 1.12
CA ARG C 34 21.50 4.84 1.00
C ARG C 34 22.17 5.02 2.36
N TYR C 35 23.43 5.45 2.33
CA TYR C 35 24.17 5.68 3.55
C TYR C 35 23.53 6.82 4.35
N LYS C 36 23.82 6.84 5.65
CA LYS C 36 23.21 7.82 6.55
C LYS C 36 23.58 9.25 6.15
N GLY C 37 24.81 9.46 5.68
CA GLY C 37 25.29 10.79 5.41
C GLY C 37 25.83 11.00 4.00
N GLU C 38 25.36 10.20 3.04
CA GLU C 38 25.81 10.34 1.66
C GLU C 38 25.02 11.43 0.95
N LYS C 39 25.74 12.33 0.28
CA LYS C 39 25.13 13.44 -0.44
C LYS C 39 25.33 13.37 -1.95
N GLN C 40 26.43 12.77 -2.41
CA GLN C 40 26.72 12.72 -3.83
C GLN C 40 25.77 11.83 -4.60
N LEU C 41 25.12 10.87 -3.94
CA LEU C 41 24.24 9.94 -4.62
C LEU C 41 22.79 10.16 -4.20
N PRO C 42 21.84 10.00 -5.12
CA PRO C 42 20.43 10.19 -4.78
C PRO C 42 19.88 8.96 -4.06
N VAL C 43 18.62 9.08 -3.65
CA VAL C 43 17.93 8.02 -2.93
C VAL C 43 17.04 7.27 -3.91
N LEU C 44 17.26 5.97 -4.03
CA LEU C 44 16.41 5.15 -4.90
C LEU C 44 15.02 5.10 -4.33
N ASP C 45 14.02 5.01 -5.22
CA ASP C 45 12.64 4.89 -4.80
C ASP C 45 12.36 3.51 -4.21
N LYS C 46 12.86 2.46 -4.88
CA LYS C 46 12.64 1.10 -4.40
C LYS C 46 13.70 0.74 -3.36
N THR C 47 13.29 -0.03 -2.35
CA THR C 47 14.16 -0.42 -1.27
C THR C 47 14.39 -1.92 -1.19
N LYS C 48 13.49 -2.73 -1.73
CA LYS C 48 13.53 -4.18 -1.61
C LYS C 48 13.87 -4.79 -2.96
N PHE C 49 14.66 -5.87 -2.94
CA PHE C 49 15.10 -6.51 -4.17
C PHE C 49 15.07 -8.02 -4.01
N LEU C 50 14.50 -8.71 -5.00
CA LEU C 50 14.50 -10.17 -5.03
C LEU C 50 15.51 -10.62 -6.08
N VAL C 51 16.56 -11.29 -5.65
CA VAL C 51 17.67 -11.67 -6.52
C VAL C 51 17.68 -13.18 -6.69
N PRO C 52 17.74 -13.71 -7.92
CA PRO C 52 17.77 -15.16 -8.11
C PRO C 52 18.96 -15.81 -7.42
N ASP C 53 18.86 -17.14 -7.28
CA ASP C 53 19.86 -17.89 -6.53
C ASP C 53 21.17 -18.02 -7.30
N HIS C 54 21.10 -18.56 -8.52
CA HIS C 54 22.29 -18.80 -9.32
C HIS C 54 23.04 -17.51 -9.65
N VAL C 55 22.40 -16.36 -9.51
CA VAL C 55 22.98 -15.08 -9.88
C VAL C 55 24.12 -14.72 -8.93
N ASN C 56 25.18 -14.12 -9.49
CA ASN C 56 26.32 -13.65 -8.72
C ASN C 56 26.14 -12.18 -8.34
N MET C 57 27.12 -11.63 -7.63
CA MET C 57 27.06 -10.23 -7.22
C MET C 57 27.12 -9.26 -8.39
N SER C 58 27.68 -9.68 -9.53
CA SER C 58 27.84 -8.77 -10.66
C SER C 58 26.48 -8.28 -11.17
N GLU C 59 25.50 -9.17 -11.24
CA GLU C 59 24.18 -8.77 -11.71
C GLU C 59 23.52 -7.80 -10.74
N LEU C 60 23.70 -8.01 -9.43
CA LEU C 60 23.16 -7.06 -8.46
C LEU C 60 23.83 -5.69 -8.59
N ILE C 61 25.15 -5.69 -8.79
CA ILE C 61 25.86 -4.42 -8.99
C ILE C 61 25.33 -3.71 -10.22
N LYS C 62 25.08 -4.47 -11.30
CA LYS C 62 24.55 -3.86 -12.53
C LYS C 62 23.12 -3.37 -12.34
N ILE C 63 22.33 -4.07 -11.54
CA ILE C 63 20.96 -3.62 -11.25
C ILE C 63 21.00 -2.30 -10.49
N ILE C 64 21.88 -2.20 -9.50
CA ILE C 64 21.99 -0.96 -8.74
C ILE C 64 22.51 0.17 -9.62
N ARG C 65 23.45 -0.15 -10.54
CA ARG C 65 23.96 0.88 -11.43
C ARG C 65 22.90 1.33 -12.42
N ARG C 66 21.99 0.45 -12.80
CA ARG C 66 20.91 0.82 -13.72
C ARG C 66 19.83 1.63 -13.00
N ARG C 67 19.53 1.27 -11.75
CA ARG C 67 18.52 2.01 -10.98
C ARG C 67 19.00 3.41 -10.64
N LEU C 68 20.28 3.56 -10.31
CA LEU C 68 20.83 4.85 -9.90
C LEU C 68 21.07 5.80 -11.06
N GLN C 69 20.96 5.33 -12.29
CA GLN C 69 21.21 6.15 -13.48
C GLN C 69 22.61 6.77 -13.41
N LEU C 70 23.60 5.90 -13.58
CA LEU C 70 25.00 6.27 -13.46
C LEU C 70 25.74 5.99 -14.75
N ASN C 71 26.60 6.91 -15.14
CA ASN C 71 27.47 6.69 -16.28
C ASN C 71 28.50 5.61 -15.95
N ALA C 72 29.12 5.06 -17.00
CA ALA C 72 30.01 3.92 -16.83
C ALA C 72 31.30 4.30 -16.10
N ASN C 73 31.73 5.56 -16.20
CA ASN C 73 33.03 5.93 -15.65
C ASN C 73 33.03 5.95 -14.12
N GLN C 74 32.01 6.53 -13.51
CA GLN C 74 31.95 6.63 -12.06
C GLN C 74 31.56 5.29 -11.44
N ALA C 75 32.28 4.90 -10.40
CA ALA C 75 32.05 3.65 -9.69
C ALA C 75 31.50 3.93 -8.30
N PHE C 76 30.97 2.89 -7.67
CA PHE C 76 30.36 3.04 -6.35
C PHE C 76 30.60 1.79 -5.52
N PHE C 77 30.49 1.95 -4.21
CA PHE C 77 30.71 0.88 -3.25
C PHE C 77 29.38 0.36 -2.71
N LEU C 78 29.24 -0.96 -2.67
CA LEU C 78 28.06 -1.64 -2.14
C LEU C 78 28.50 -2.50 -0.96
N LEU C 79 28.24 -2.00 0.24
CA LEU C 79 28.64 -2.64 1.49
C LEU C 79 27.52 -3.53 2.01
N VAL C 80 27.90 -4.61 2.69
CA VAL C 80 26.97 -5.56 3.28
C VAL C 80 27.04 -5.40 4.79
N ASN C 81 25.90 -5.09 5.40
CA ASN C 81 25.80 -4.84 6.85
C ASN C 81 26.70 -3.67 7.28
N GLY C 82 27.05 -2.79 6.34
CA GLY C 82 27.94 -1.69 6.63
C GLY C 82 29.41 -2.03 6.51
N HIS C 83 29.76 -3.11 5.80
CA HIS C 83 31.15 -3.52 5.66
C HIS C 83 31.30 -4.30 4.36
N SER C 84 32.30 -3.92 3.57
CA SER C 84 32.44 -4.47 2.23
C SER C 84 33.00 -5.89 2.24
N MET C 85 32.44 -6.73 1.39
CA MET C 85 32.95 -8.07 1.13
C MET C 85 32.64 -8.41 -0.33
N VAL C 86 32.89 -7.45 -1.22
CA VAL C 86 32.46 -7.52 -2.62
C VAL C 86 33.29 -8.50 -3.42
N SER C 87 33.22 -9.78 -3.08
CA SER C 87 33.73 -10.82 -3.96
C SER C 87 32.78 -10.94 -5.15
N VAL C 88 33.02 -10.15 -6.19
CA VAL C 88 32.04 -9.97 -7.26
C VAL C 88 31.70 -11.29 -7.95
N SER C 89 32.63 -12.24 -7.94
CA SER C 89 32.40 -13.51 -8.63
C SER C 89 31.53 -14.47 -7.85
N THR C 90 31.42 -14.30 -6.53
CA THR C 90 30.72 -15.28 -5.72
C THR C 90 29.21 -15.19 -5.97
N PRO C 91 28.50 -16.32 -5.96
CA PRO C 91 27.04 -16.27 -6.08
C PRO C 91 26.43 -15.65 -4.84
N ILE C 92 25.26 -15.01 -5.04
CA ILE C 92 24.60 -14.33 -3.93
C ILE C 92 24.08 -15.31 -2.90
N SER C 93 23.93 -16.59 -3.25
CA SER C 93 23.50 -17.58 -2.28
C SER C 93 24.51 -17.74 -1.16
N GLU C 94 25.81 -17.73 -1.50
CA GLU C 94 26.84 -17.81 -0.48
C GLU C 94 26.86 -16.56 0.39
N VAL C 95 26.68 -15.39 -0.24
CA VAL C 95 26.61 -14.14 0.53
C VAL C 95 25.44 -14.18 1.50
N TYR C 96 24.31 -14.75 1.08
CA TYR C 96 23.15 -14.86 1.94
C TYR C 96 23.42 -15.83 3.09
N GLU C 97 24.00 -16.98 2.79
CA GLU C 97 24.28 -17.96 3.83
C GLU C 97 25.35 -17.50 4.80
N SER C 98 26.21 -16.56 4.40
CA SER C 98 27.31 -16.11 5.25
C SER C 98 27.03 -14.82 6.01
N GLU C 99 26.34 -13.85 5.41
CA GLU C 99 26.26 -12.51 5.97
C GLU C 99 24.82 -12.04 6.17
N LYS C 100 23.84 -12.94 6.17
CA LYS C 100 22.47 -12.51 6.40
C LYS C 100 22.29 -12.06 7.86
N ASP C 101 21.30 -11.19 8.05
CA ASP C 101 21.02 -10.66 9.38
C ASP C 101 20.30 -11.72 10.22
N GLU C 102 20.05 -11.38 11.49
CA GLU C 102 19.36 -12.30 12.40
C GLU C 102 17.91 -12.53 11.97
N ASP C 103 17.26 -11.51 11.40
CA ASP C 103 15.85 -11.64 11.05
C ASP C 103 15.64 -12.48 9.79
N GLY C 104 16.64 -12.55 8.92
CA GLY C 104 16.56 -13.32 7.70
C GLY C 104 16.80 -12.53 6.43
N PHE C 105 16.73 -11.20 6.49
CA PHE C 105 17.00 -10.38 5.33
C PHE C 105 18.50 -10.23 5.11
N LEU C 106 18.85 -9.67 3.95
CA LEU C 106 20.23 -9.34 3.61
C LEU C 106 20.29 -7.83 3.38
N TYR C 107 20.98 -7.13 4.28
CA TYR C 107 20.99 -5.68 4.29
C TYR C 107 22.24 -5.15 3.60
N MET C 108 22.07 -4.19 2.71
CA MET C 108 23.18 -3.59 1.98
C MET C 108 22.99 -2.07 1.94
N VAL C 109 24.11 -1.37 1.69
CA VAL C 109 24.14 0.08 1.65
C VAL C 109 25.06 0.48 0.50
N TYR C 110 24.71 1.56 -0.20
CA TYR C 110 25.52 2.04 -1.30
C TYR C 110 26.05 3.44 -1.00
N ALA C 111 27.31 3.67 -1.34
CA ALA C 111 27.94 4.97 -1.13
C ALA C 111 29.04 5.16 -2.17
N SER C 112 29.69 6.32 -2.12
CA SER C 112 30.72 6.64 -3.10
C SER C 112 31.70 7.70 -2.59
N GLN C 113 31.39 8.32 -1.46
CA GLN C 113 32.16 9.47 -1.00
C GLN C 113 33.32 9.06 -0.10
N ASP D 1 -45.57 20.35 68.98
CA ASP D 1 -46.40 21.51 68.68
C ASP D 1 -47.88 21.16 68.75
N HIS D 2 -48.72 22.09 68.32
CA HIS D 2 -50.16 21.91 68.33
C HIS D 2 -50.68 21.63 66.93
N CYS D 3 -51.90 21.09 66.87
CA CYS D 3 -52.47 20.65 65.62
C CYS D 3 -52.94 21.84 64.79
N ALA D 4 -52.77 21.74 63.47
CA ALA D 4 -53.22 22.79 62.58
C ALA D 4 -54.71 22.68 62.28
N ARG D 5 -55.25 21.45 62.27
CA ARG D 5 -56.65 21.25 61.93
C ARG D 5 -57.57 21.53 63.12
N HIS D 6 -57.19 21.11 64.31
CA HIS D 6 -58.02 21.25 65.50
C HIS D 6 -57.43 22.18 66.56
N GLY D 7 -56.13 22.14 66.79
CA GLY D 7 -55.49 22.99 67.77
C GLY D 7 -54.98 22.29 69.01
N GLU D 8 -55.21 20.98 69.14
CA GLU D 8 -54.75 20.23 70.30
C GLU D 8 -53.35 19.68 70.07
N LYS D 9 -52.75 19.16 71.13
CA LYS D 9 -51.41 18.61 71.05
C LYS D 9 -51.39 17.35 70.19
N LEU D 10 -50.25 17.11 69.54
CA LEU D 10 -50.04 15.88 68.77
C LEU D 10 -49.25 14.92 69.66
N LEU D 11 -49.96 14.15 70.47
CA LEU D 11 -49.37 13.16 71.35
C LEU D 11 -49.71 11.74 70.94
N LEU D 12 -50.52 11.57 69.91
CA LEU D 12 -51.00 10.27 69.48
C LEU D 12 -50.34 9.84 68.17
N PHE D 13 -50.51 8.57 67.85
CA PHE D 13 -49.98 7.97 66.63
C PHE D 13 -51.00 6.98 66.11
N CYS D 14 -51.36 7.12 64.84
CA CYS D 14 -52.34 6.25 64.20
C CYS D 14 -51.63 5.10 63.50
N GLN D 15 -51.95 3.88 63.90
CA GLN D 15 -51.31 2.70 63.32
C GLN D 15 -51.61 2.56 61.84
N GLU D 16 -52.78 3.02 61.39
CA GLU D 16 -53.20 2.85 60.01
C GLU D 16 -52.67 3.96 59.10
N ASP D 17 -52.76 5.21 59.53
CA ASP D 17 -52.32 6.33 58.71
C ASP D 17 -50.84 6.67 58.88
N SER D 18 -50.22 6.18 59.95
CA SER D 18 -48.81 6.49 60.26
C SER D 18 -48.59 7.99 60.41
N LYS D 19 -49.61 8.71 60.88
CA LYS D 19 -49.53 10.15 61.11
C LYS D 19 -49.85 10.43 62.57
N VAL D 20 -49.11 11.37 63.16
CA VAL D 20 -49.38 11.81 64.52
C VAL D 20 -50.55 12.79 64.50
N ILE D 21 -51.47 12.62 65.45
CA ILE D 21 -52.69 13.43 65.48
C ILE D 21 -53.02 13.81 66.92
N CYS D 22 -54.19 14.41 67.12
CA CYS D 22 -54.71 14.75 68.42
C CYS D 22 -55.92 13.87 68.73
N TRP D 23 -56.52 14.09 69.91
CA TRP D 23 -57.68 13.29 70.29
C TRP D 23 -58.92 13.68 69.49
N LEU D 24 -59.01 14.94 69.05
CA LEU D 24 -60.13 15.34 68.21
C LEU D 24 -60.07 14.68 66.85
N CYS D 25 -58.87 14.41 66.33
CA CYS D 25 -58.74 13.71 65.06
C CYS D 25 -59.15 12.25 65.19
N LYS D 26 -59.12 11.69 66.39
CA LYS D 26 -59.51 10.29 66.58
C LYS D 26 -61.01 10.10 66.42
N ASP D 27 -61.81 11.07 66.86
CA ASP D 27 -63.26 10.96 66.77
C ASP D 27 -63.83 11.45 65.45
N SER D 28 -63.08 12.27 64.71
CA SER D 28 -63.56 12.80 63.44
C SER D 28 -63.58 11.69 62.38
N GLN D 29 -64.20 12.01 61.25
CA GLN D 29 -64.31 11.04 60.16
C GLN D 29 -62.97 10.78 59.48
N GLU D 30 -61.99 11.66 59.66
CA GLU D 30 -60.69 11.47 59.00
C GLU D 30 -59.97 10.23 59.51
N HIS D 31 -59.99 10.02 60.82
CA HIS D 31 -59.34 8.87 61.44
C HIS D 31 -60.32 8.01 62.22
N ARG D 32 -61.58 7.96 61.78
CA ARG D 32 -62.59 7.20 62.48
C ARG D 32 -62.35 5.70 62.31
N GLY D 33 -62.57 4.95 63.39
CA GLY D 33 -62.46 3.50 63.36
C GLY D 33 -61.05 2.97 63.40
N HIS D 34 -60.04 3.83 63.36
CA HIS D 34 -58.66 3.38 63.35
C HIS D 34 -58.17 3.11 64.79
N HIS D 35 -57.01 2.50 64.88
CA HIS D 35 -56.37 2.20 66.16
C HIS D 35 -55.32 3.26 66.46
N THR D 36 -55.42 3.88 67.64
CA THR D 36 -54.56 4.99 68.02
C THR D 36 -53.81 4.65 69.30
N PHE D 37 -52.51 4.95 69.32
CA PHE D 37 -51.66 4.68 70.47
C PHE D 37 -50.91 5.96 70.85
N LEU D 38 -50.15 5.88 71.92
CA LEU D 38 -49.26 6.97 72.31
C LEU D 38 -47.91 6.79 71.62
N MET D 39 -47.25 7.93 71.34
CA MET D 39 -45.96 7.88 70.66
C MET D 39 -44.93 7.12 71.47
N GLU D 40 -44.96 7.26 72.79
CA GLU D 40 -43.97 6.63 73.65
C GLU D 40 -44.11 5.12 73.69
N GLU D 41 -45.26 4.58 73.28
CA GLU D 41 -45.46 3.14 73.31
C GLU D 41 -44.72 2.45 72.17
N VAL D 42 -44.72 3.06 70.99
CA VAL D 42 -44.10 2.48 69.80
C VAL D 42 -42.77 3.15 69.45
N ALA D 43 -42.31 4.11 70.26
CA ALA D 43 -41.10 4.85 69.95
C ALA D 43 -39.89 3.90 69.85
N GLN D 44 -39.67 3.09 70.88
CA GLN D 44 -38.49 2.22 70.90
C GLN D 44 -38.54 1.17 69.79
N GLU D 45 -39.72 0.62 69.53
CA GLU D 45 -39.87 -0.37 68.47
C GLU D 45 -39.50 0.23 67.12
N TYR D 46 -40.08 1.39 66.79
CA TYR D 46 -39.73 2.02 65.52
C TYR D 46 -38.27 2.46 65.49
N HIS D 47 -37.70 2.81 66.64
CA HIS D 47 -36.30 3.22 66.70
C HIS D 47 -35.39 2.06 66.33
N VAL D 48 -35.59 0.89 66.94
CA VAL D 48 -34.72 -0.25 66.62
C VAL D 48 -34.96 -0.73 65.20
N LYS D 49 -36.21 -0.66 64.72
CA LYS D 49 -36.48 -1.03 63.33
C LYS D 49 -35.72 -0.14 62.37
N LEU D 50 -35.76 1.17 62.60
CA LEU D 50 -35.04 2.10 61.73
C LEU D 50 -33.53 1.98 61.88
N GLN D 51 -33.05 1.57 63.06
CA GLN D 51 -31.61 1.32 63.23
C GLN D 51 -31.16 0.16 62.34
N THR D 52 -31.90 -0.95 62.38
CA THR D 52 -31.56 -2.08 61.51
C THR D 52 -31.69 -1.70 60.04
N ALA D 53 -32.70 -0.88 59.71
CA ALA D 53 -32.84 -0.40 58.34
C ALA D 53 -31.64 0.43 57.90
N LEU D 54 -31.14 1.29 58.80
CA LEU D 54 -29.95 2.08 58.49
C LEU D 54 -28.74 1.19 58.24
N GLU D 55 -28.57 0.15 59.06
CA GLU D 55 -27.47 -0.79 58.84
C GLU D 55 -27.58 -1.45 57.47
N MET D 56 -28.77 -1.97 57.15
CA MET D 56 -28.98 -2.61 55.85
C MET D 56 -28.71 -1.65 54.70
N LEU D 57 -29.15 -0.39 54.84
CA LEU D 57 -28.95 0.58 53.76
C LEU D 57 -27.48 0.93 53.60
N ARG D 58 -26.72 0.98 54.71
CA ARG D 58 -25.28 1.20 54.59
C ARG D 58 -24.63 0.08 53.79
N GLN D 59 -24.98 -1.17 54.12
CA GLN D 59 -24.43 -2.31 53.37
C GLN D 59 -24.81 -2.24 51.90
N LYS D 60 -26.07 -1.94 51.60
CA LYS D 60 -26.53 -1.89 50.22
C LYS D 60 -25.89 -0.74 49.45
N GLN D 61 -25.62 0.38 50.12
CA GLN D 61 -24.94 1.49 49.44
C GLN D 61 -23.50 1.14 49.12
N GLN D 62 -22.83 0.43 50.03
CA GLN D 62 -21.49 -0.07 49.72
C GLN D 62 -21.54 -0.98 48.49
N GLU D 63 -22.53 -1.88 48.43
CA GLU D 63 -22.66 -2.76 47.28
C GLU D 63 -22.89 -1.96 45.98
N ALA D 64 -23.70 -0.90 46.07
CA ALA D 64 -23.98 -0.10 44.88
C ALA D 64 -22.75 0.65 44.40
N GLU D 65 -21.94 1.14 45.34
CA GLU D 65 -20.67 1.77 44.97
C GLU D 65 -19.75 0.77 44.30
N LYS D 66 -19.75 -0.47 44.79
CA LYS D 66 -18.99 -1.53 44.14
C LYS D 66 -19.45 -1.74 42.70
N LEU D 67 -20.77 -1.74 42.48
CA LEU D 67 -21.28 -1.90 41.12
C LEU D 67 -20.86 -0.73 40.22
N GLU D 68 -20.88 0.48 40.75
CA GLU D 68 -20.43 1.65 39.99
C GLU D 68 -18.97 1.51 39.58
N ALA D 69 -18.11 1.13 40.54
CA ALA D 69 -16.71 0.91 40.20
C ALA D 69 -16.55 -0.19 39.16
N ASP D 70 -17.39 -1.22 39.24
CA ASP D 70 -17.33 -2.31 38.27
C ASP D 70 -17.62 -1.83 36.85
N ILE D 71 -18.68 -1.02 36.70
CA ILE D 71 -19.00 -0.57 35.35
C ILE D 71 -17.94 0.40 34.83
N ARG D 72 -17.35 1.20 35.72
CA ARG D 72 -16.25 2.06 35.30
C ARG D 72 -15.07 1.23 34.77
N GLU D 73 -14.67 0.21 35.54
CA GLU D 73 -13.57 -0.64 35.10
C GLU D 73 -13.91 -1.35 33.80
N GLU D 74 -15.18 -1.72 33.60
CA GLU D 74 -15.56 -2.38 32.36
C GLU D 74 -15.41 -1.45 31.16
N LYS D 75 -15.85 -0.19 31.30
CA LYS D 75 -15.71 0.73 30.17
C LYS D 75 -14.24 1.03 29.87
N ALA D 76 -13.40 1.09 30.92
CA ALA D 76 -11.96 1.23 30.69
C ALA D 76 -11.41 0.05 29.90
N SER D 77 -11.75 -1.17 30.33
CA SER D 77 -11.28 -2.37 29.64
C SER D 77 -11.76 -2.40 28.19
N TRP D 78 -12.98 -1.92 27.93
CA TRP D 78 -13.50 -1.95 26.58
C TRP D 78 -12.78 -0.95 25.68
N LYS D 79 -12.46 0.24 26.22
CA LYS D 79 -11.67 1.20 25.44
C LYS D 79 -10.29 0.64 25.13
N ILE D 80 -9.68 -0.06 26.09
CA ILE D 80 -8.38 -0.69 25.84
C ILE D 80 -8.50 -1.74 24.74
N GLN D 81 -9.55 -2.56 24.81
CA GLN D 81 -9.75 -3.60 23.79
C GLN D 81 -9.92 -2.99 22.40
N ILE D 82 -10.68 -1.89 22.31
CA ILE D 82 -10.89 -1.27 21.01
C ILE D 82 -9.59 -0.70 20.46
N ASP D 83 -8.78 -0.07 21.30
CA ASP D 83 -7.49 0.43 20.84
C ASP D 83 -6.60 -0.71 20.35
N TYR D 84 -6.56 -1.82 21.10
CA TYR D 84 -5.80 -2.99 20.68
C TYR D 84 -6.26 -3.48 19.30
N ASP D 85 -7.57 -3.59 19.11
CA ASP D 85 -8.10 -4.11 17.85
C ASP D 85 -7.77 -3.17 16.68
N LYS D 86 -7.85 -1.86 16.91
CA LYS D 86 -7.51 -0.91 15.86
C LYS D 86 -6.03 -1.04 15.46
N THR D 87 -5.14 -1.12 16.46
CA THR D 87 -3.72 -1.31 16.15
C THR D 87 -3.49 -2.62 15.39
N ASN D 88 -4.20 -3.68 15.77
CA ASN D 88 -4.04 -4.96 15.09
C ASN D 88 -4.45 -4.87 13.62
N VAL D 89 -5.60 -4.23 13.35
CA VAL D 89 -6.06 -4.10 11.98
C VAL D 89 -5.09 -3.25 11.15
N SER D 90 -4.60 -2.16 11.72
CA SER D 90 -3.65 -1.32 11.01
C SER D 90 -2.36 -2.08 10.71
N ALA D 91 -1.90 -2.91 11.65
CA ALA D 91 -0.69 -3.69 11.42
C ALA D 91 -0.89 -4.71 10.31
N ASP D 92 -2.07 -5.34 10.27
CA ASP D 92 -2.34 -6.29 9.19
C ASP D 92 -2.35 -5.61 7.84
N PHE D 93 -2.98 -4.43 7.74
CA PHE D 93 -2.97 -3.70 6.48
C PHE D 93 -1.56 -3.27 6.09
N GLU D 94 -0.74 -2.92 7.08
CA GLU D 94 0.65 -2.57 6.77
C GLU D 94 1.42 -3.78 6.24
N GLN D 95 1.17 -4.96 6.81
CA GLN D 95 1.76 -6.19 6.28
C GLN D 95 1.39 -6.40 4.83
N LEU D 96 0.10 -6.22 4.52
CA LEU D 96 -0.35 -6.34 3.13
C LEU D 96 0.39 -5.34 2.23
N ARG D 97 0.54 -4.10 2.69
CA ARG D 97 1.23 -3.09 1.89
C ARG D 97 2.69 -3.47 1.66
N GLU D 98 3.34 -4.06 2.66
CA GLU D 98 4.73 -4.47 2.51
C GLU D 98 4.87 -5.58 1.48
N ILE D 99 4.02 -6.60 1.55
CA ILE D 99 4.11 -7.67 0.55
C ILE D 99 3.75 -7.14 -0.83
N LEU D 100 2.89 -6.12 -0.90
CA LEU D 100 2.60 -5.49 -2.19
C LEU D 100 3.84 -4.82 -2.76
N ASP D 101 4.58 -4.09 -1.92
CA ASP D 101 5.85 -3.51 -2.37
C ASP D 101 6.81 -4.58 -2.88
N TRP D 102 6.91 -5.71 -2.17
CA TRP D 102 7.82 -6.76 -2.60
C TRP D 102 7.42 -7.34 -3.96
N GLU D 103 6.11 -7.59 -4.16
CA GLU D 103 5.67 -8.11 -5.44
C GLU D 103 5.92 -7.11 -6.57
N GLU D 104 5.69 -5.82 -6.29
CA GLU D 104 5.98 -4.80 -7.30
C GLU D 104 7.46 -4.81 -7.69
N SER D 105 8.35 -4.90 -6.69
CA SER D 105 9.77 -4.96 -7.00
C SER D 105 10.12 -6.18 -7.83
N ASN D 106 9.51 -7.33 -7.51
CA ASN D 106 9.78 -8.54 -8.28
C ASN D 106 9.37 -8.37 -9.74
N GLU D 107 8.17 -7.84 -9.98
CA GLU D 107 7.72 -7.65 -11.36
C GLU D 107 8.61 -6.66 -12.10
N LEU D 108 9.02 -5.58 -11.42
CA LEU D 108 9.90 -4.60 -12.06
C LEU D 108 11.22 -5.23 -12.46
N GLN D 109 11.80 -6.05 -11.59
CA GLN D 109 13.06 -6.71 -11.92
C GLN D 109 12.89 -7.68 -13.07
N ASN D 110 11.76 -8.41 -13.11
CA ASN D 110 11.50 -9.29 -14.24
C ASN D 110 11.46 -8.52 -15.56
N LEU D 111 10.76 -7.39 -15.57
CA LEU D 111 10.67 -6.59 -16.79
C LEU D 111 12.04 -6.04 -17.19
N GLU D 112 12.84 -5.62 -16.21
CA GLU D 112 14.17 -5.12 -16.54
C GLU D 112 15.05 -6.21 -17.11
N LYS D 113 14.96 -7.43 -16.58
CA LYS D 113 15.70 -8.55 -17.14
C LYS D 113 15.29 -8.82 -18.58
N GLU D 114 13.98 -8.80 -18.84
CA GLU D 114 13.50 -8.99 -20.21
C GLU D 114 14.03 -7.91 -21.15
N GLU D 115 14.00 -6.66 -20.69
CA GLU D 115 14.53 -5.57 -21.51
C GLU D 115 16.01 -5.76 -21.81
N GLU D 116 16.80 -6.13 -20.80
CA GLU D 116 18.23 -6.35 -21.02
C GLU D 116 18.47 -7.46 -22.03
N ASP D 117 17.74 -8.58 -21.90
CA ASP D 117 17.92 -9.69 -22.83
C ASP D 117 17.57 -9.28 -24.26
N ILE D 118 16.43 -8.61 -24.43
CA ILE D 118 16.01 -8.18 -25.77
C ILE D 118 17.04 -7.23 -26.36
N LEU D 119 17.56 -6.31 -25.56
CA LEU D 119 18.50 -5.32 -26.07
C LEU D 119 19.82 -5.96 -26.46
N LYS D 120 20.31 -6.93 -25.67
CA LYS D 120 21.57 -7.57 -26.04
C LYS D 120 21.41 -8.45 -27.29
N SER D 121 20.26 -9.12 -27.43
CA SER D 121 20.01 -9.89 -28.64
C SER D 121 19.98 -8.98 -29.87
N LEU D 122 19.27 -7.85 -29.77
CA LEU D 122 19.21 -6.92 -30.90
C LEU D 122 20.56 -6.31 -31.19
N THR D 123 21.40 -6.10 -30.16
CA THR D 123 22.74 -5.56 -30.40
C THR D 123 23.61 -6.57 -31.14
N LYS D 124 23.50 -7.86 -30.78
CA LYS D 124 24.23 -8.87 -31.54
C LYS D 124 23.78 -8.93 -32.98
N SER D 125 22.46 -8.87 -33.21
CA SER D 125 21.95 -8.88 -34.58
C SER D 125 22.42 -7.65 -35.35
N GLU D 126 22.48 -6.49 -34.69
CA GLU D 126 22.95 -5.28 -35.35
C GLU D 126 24.43 -5.39 -35.68
N THR D 127 25.21 -6.04 -34.82
CA THR D 127 26.61 -6.32 -35.14
C THR D 127 26.73 -7.18 -36.40
N GLU D 128 25.92 -8.23 -36.49
CA GLU D 128 25.92 -9.05 -37.70
C GLU D 128 25.56 -8.22 -38.93
N MET D 129 24.57 -7.33 -38.80
CA MET D 129 24.15 -6.52 -39.95
C MET D 129 25.25 -5.57 -40.39
N VAL D 130 25.95 -4.92 -39.44
CA VAL D 130 27.01 -4.00 -39.84
C VAL D 130 28.17 -4.77 -40.44
N GLN D 131 28.44 -6.00 -39.96
CA GLN D 131 29.47 -6.82 -40.57
C GLN D 131 29.13 -7.16 -42.01
N GLN D 132 27.86 -7.51 -42.27
CA GLN D 132 27.49 -7.85 -43.65
C GLN D 132 27.52 -6.61 -44.56
N THR D 133 27.16 -5.44 -44.03
CA THR D 133 27.26 -4.22 -44.84
C THR D 133 28.71 -3.91 -45.18
N GLN D 134 29.62 -4.10 -44.22
CA GLN D 134 31.05 -3.88 -44.51
C GLN D 134 31.56 -4.90 -45.52
N TYR D 135 31.07 -6.14 -45.45
CA TYR D 135 31.45 -7.13 -46.45
C TYR D 135 30.97 -6.73 -47.85
N MET D 136 29.75 -6.20 -47.94
CA MET D 136 29.26 -5.70 -49.22
C MET D 136 30.15 -4.58 -49.76
N ARG D 137 30.52 -3.64 -48.89
CA ARG D 137 31.40 -2.56 -49.32
C ARG D 137 32.75 -3.10 -49.80
N GLU D 138 33.27 -4.12 -49.11
CA GLU D 138 34.54 -4.73 -49.50
C GLU D 138 34.44 -5.36 -50.88
N LEU D 139 33.35 -6.09 -51.13
CA LEU D 139 33.18 -6.72 -52.45
C LEU D 139 33.03 -5.67 -53.55
N ILE D 140 32.34 -4.56 -53.25
CA ILE D 140 32.20 -3.50 -54.24
C ILE D 140 33.56 -2.89 -54.57
N SER D 141 34.38 -2.64 -53.55
CA SER D 141 35.71 -2.10 -53.79
C SER D 141 36.56 -3.07 -54.60
N GLU D 142 36.45 -4.37 -54.31
CA GLU D 142 37.22 -5.37 -55.07
C GLU D 142 36.80 -5.38 -56.53
N LEU D 143 35.50 -5.33 -56.81
CA LEU D 143 35.05 -5.32 -58.20
C LEU D 143 35.49 -4.04 -58.91
N GLU D 144 35.48 -2.90 -58.21
CA GLU D 144 35.99 -1.68 -58.82
C GLU D 144 37.46 -1.83 -59.19
N HIS D 145 38.27 -2.32 -58.25
CA HIS D 145 39.69 -2.54 -58.53
C HIS D 145 39.90 -3.49 -59.70
N ARG D 146 39.04 -4.52 -59.81
CA ARG D 146 39.15 -5.43 -60.94
C ARG D 146 38.84 -4.71 -62.25
N LEU D 147 37.82 -3.85 -62.26
CA LEU D 147 37.40 -3.21 -63.50
C LEU D 147 38.28 -2.03 -63.90
N GLN D 148 39.14 -1.54 -63.01
CA GLN D 148 39.99 -0.41 -63.36
C GLN D 148 41.42 -0.81 -63.71
N GLY D 149 41.89 -1.95 -63.20
CA GLY D 149 43.29 -2.33 -63.29
C GLY D 149 43.65 -3.08 -64.56
N SER D 150 44.65 -3.95 -64.43
CA SER D 150 45.18 -4.68 -65.57
C SER D 150 44.18 -5.73 -66.06
N MET D 151 44.49 -6.31 -67.23
CA MET D 151 43.67 -7.40 -67.76
C MET D 151 43.80 -8.65 -66.91
N MET D 152 45.04 -8.95 -66.46
CA MET D 152 45.23 -10.10 -65.57
C MET D 152 44.51 -9.89 -64.24
N ASP D 153 44.55 -8.66 -63.71
CA ASP D 153 43.76 -8.35 -62.53
C ASP D 153 42.28 -8.62 -62.75
N LEU D 154 41.78 -8.26 -63.94
CA LEU D 154 40.36 -8.45 -64.24
C LEU D 154 40.02 -9.94 -64.37
N LEU D 155 40.93 -10.73 -64.91
CA LEU D 155 40.60 -12.11 -65.28
C LEU D 155 41.04 -13.17 -64.27
N GLN D 156 42.04 -12.89 -63.43
CA GLN D 156 42.56 -13.92 -62.54
C GLN D 156 41.58 -14.20 -61.41
N GLY D 157 41.13 -15.45 -61.32
CA GLY D 157 40.21 -15.85 -60.27
C GLY D 157 38.85 -15.19 -60.36
N VAL D 158 38.41 -14.84 -61.57
CA VAL D 158 37.14 -14.13 -61.72
C VAL D 158 35.96 -15.06 -61.45
N ASP D 159 36.07 -16.33 -61.82
CA ASP D 159 34.96 -17.26 -61.60
C ASP D 159 34.68 -17.46 -60.12
N GLY D 160 35.72 -17.45 -59.28
CA GLY D 160 35.48 -17.57 -57.85
C GLY D 160 34.65 -16.43 -57.30
N ILE D 161 34.98 -15.20 -57.70
CA ILE D 161 34.22 -14.04 -57.24
C ILE D 161 32.81 -14.06 -57.82
N ILE D 162 32.68 -14.49 -59.08
CA ILE D 162 31.36 -14.58 -59.69
C ILE D 162 30.47 -15.55 -58.93
N LYS D 163 31.00 -16.73 -58.60
CA LYS D 163 30.21 -17.70 -57.86
C LYS D 163 29.94 -17.23 -56.44
N ARG D 164 30.89 -16.52 -55.82
CA ARG D 164 30.64 -15.95 -54.49
C ARG D 164 29.50 -14.96 -54.52
N ILE D 165 29.39 -14.17 -55.60
CA ILE D 165 28.29 -13.24 -55.71
C ILE D 165 27.00 -13.98 -56.06
N GLU D 166 27.10 -15.13 -56.75
CA GLU D 166 25.91 -15.91 -57.07
C GLU D 166 25.20 -16.38 -55.81
N ASN D 167 25.96 -16.77 -54.79
CA ASN D 167 25.43 -17.25 -53.52
C ASN D 167 25.14 -16.11 -52.54
N MET D 168 24.67 -14.97 -53.04
CA MET D 168 24.47 -13.79 -52.19
C MET D 168 23.12 -13.89 -51.50
N THR D 169 23.10 -14.57 -50.36
CA THR D 169 21.91 -14.67 -49.51
C THR D 169 22.02 -13.63 -48.41
N LEU D 170 21.23 -12.56 -48.51
CA LEU D 170 21.26 -11.49 -47.52
C LEU D 170 20.54 -11.94 -46.25
N LYS D 171 21.15 -11.68 -45.10
CA LYS D 171 20.65 -12.16 -43.82
C LYS D 171 19.78 -11.08 -43.16
N LYS D 172 18.60 -11.52 -42.63
CA LYS D 172 17.62 -10.70 -41.92
C LYS D 172 17.94 -10.63 -40.43
N PRO D 173 17.62 -9.51 -39.79
CA PRO D 173 17.85 -9.38 -38.35
C PRO D 173 16.73 -10.02 -37.54
N LYS D 174 17.08 -10.39 -36.31
CA LYS D 174 16.09 -10.94 -35.40
C LYS D 174 15.13 -9.86 -34.93
N THR D 175 13.86 -10.22 -34.75
CA THR D 175 12.85 -9.27 -34.35
C THR D 175 11.74 -9.98 -33.58
N PHE D 176 11.03 -9.19 -32.76
CA PHE D 176 9.84 -9.65 -32.08
C PHE D 176 8.88 -8.47 -31.95
N HIS D 177 7.58 -8.76 -31.94
CA HIS D 177 6.58 -7.71 -31.85
C HIS D 177 5.37 -8.20 -31.08
N LYS D 178 5.08 -7.54 -29.96
CA LYS D 178 3.83 -7.69 -29.21
C LYS D 178 3.54 -9.14 -28.83
N ASN D 179 4.56 -9.81 -28.28
CA ASN D 179 4.41 -11.17 -27.76
C ASN D 179 4.67 -11.24 -26.26
N GLN D 180 4.48 -10.12 -25.56
CA GLN D 180 4.75 -9.98 -24.14
C GLN D 180 3.52 -9.48 -23.41
N ARG D 181 3.53 -9.65 -22.09
CA ARG D 181 2.45 -9.15 -21.26
C ARG D 181 3.01 -8.72 -19.91
N ARG D 182 2.40 -7.67 -19.35
CA ARG D 182 2.84 -7.16 -18.04
C ARG D 182 2.08 -7.84 -16.90
N VAL D 183 1.29 -7.05 -16.17
CA VAL D 183 0.55 -7.54 -15.00
C VAL D 183 1.49 -8.19 -13.98
N ALA D 186 -4.55 -8.57 -10.99
CA ALA D 186 -5.89 -8.19 -11.42
C ALA D 186 -6.80 -7.94 -10.22
N PRO D 187 -7.66 -6.92 -10.32
CA PRO D 187 -8.50 -6.56 -9.18
C PRO D 187 -9.56 -7.59 -8.82
N ASP D 188 -9.15 -8.85 -8.61
CA ASP D 188 -10.07 -9.85 -8.09
C ASP D 188 -10.29 -9.72 -6.60
N LEU D 189 -9.32 -9.13 -5.89
CA LEU D 189 -9.50 -8.84 -4.46
C LEU D 189 -10.64 -7.86 -4.25
N LYS D 190 -10.91 -6.99 -5.22
CA LYS D 190 -12.06 -6.11 -5.13
C LYS D 190 -13.36 -6.90 -5.20
N GLY D 191 -13.42 -7.89 -6.09
CA GLY D 191 -14.60 -8.73 -6.20
C GLY D 191 -14.82 -9.66 -5.01
N MET D 192 -13.73 -10.14 -4.40
CA MET D 192 -13.88 -11.09 -3.30
C MET D 192 -14.62 -10.48 -2.11
N LEU D 193 -14.44 -9.19 -1.85
CA LEU D 193 -15.11 -8.53 -0.74
C LEU D 193 -16.61 -8.45 -0.97
#